data_6GZU
#
_entry.id   6GZU
#
_cell.length_a   40.337
_cell.length_b   41.775
_cell.length_c   44.209
_cell.angle_alpha   94.72
_cell.angle_beta   102.17
_cell.angle_gamma   101.23
#
_symmetry.space_group_name_H-M   'P 1'
#
loop_
_entity.id
_entity.type
_entity.pdbx_description
1 polymer 'Conserved membrane protein'
2 non-polymer GLYCEROL
3 non-polymer 'ZINC ION'
4 water water
#
_entity_poly.entity_id   1
_entity_poly.type   'polypeptide(L)'
_entity_poly.pdbx_seq_one_letter_code
;GPDPSIFSPKPEILFSSWDHLEISTHLIRLSEKHSDLFVPSLYTPSTCFSIERAVLKDLHLYDSSTQSVLDHPDSTQCHH
QNNYQDYPHLADRDCQNFRIYAYPLWHHPSAHNPEEMNSMMLSTARRGFAGISHWTLVIVNLDRREVVFFDSLANFINNR
LIDPALNSIATRLGNVYPDANGALSPFIVKKVIKTPIQQDSTSCGIWLSLFLDKYLDNPDYVPPLMGGRQAQYFLQEFLE
TIPQRPITQASDCTLNVLGITCDQVENSSNML
;
_entity_poly.pdbx_strand_id   A
#
loop_
_chem_comp.id
_chem_comp.type
_chem_comp.name
_chem_comp.formula
GOL non-polymer GLYCEROL 'C3 H8 O3'
ZN non-polymer 'ZINC ION' 'Zn 2'
#
# COMPACT_ATOMS: atom_id res chain seq x y z
N PHE A 15 -19.09 4.14 11.60
CA PHE A 15 -17.65 3.83 11.59
C PHE A 15 -16.80 5.06 11.71
N SER A 16 -15.99 5.13 12.76
CA SER A 16 -14.92 6.12 12.81
C SER A 16 -13.92 5.72 11.70
N SER A 17 -13.60 6.67 10.83
CA SER A 17 -12.63 6.49 9.74
C SER A 17 -11.28 6.10 10.30
N TRP A 18 -10.45 5.58 9.41
CA TRP A 18 -9.09 5.19 9.75
C TRP A 18 -8.18 6.15 8.99
N ASP A 19 -7.26 6.78 9.71
CA ASP A 19 -6.28 7.72 9.15
C ASP A 19 -5.00 6.92 8.84
N HIS A 20 -3.95 7.60 8.39
CA HIS A 20 -2.75 6.89 8.01
C HIS A 20 -2.21 6.02 9.16
N LEU A 21 -2.23 6.54 10.39
CA LEU A 21 -1.67 5.77 11.52
C LEU A 21 -2.47 4.50 11.82
N GLU A 22 -3.79 4.58 11.73
CA GLU A 22 -4.66 3.41 11.94
C GLU A 22 -4.47 2.37 10.85
N ILE A 23 -4.36 2.83 9.60
CA ILE A 23 -4.09 1.91 8.52
C ILE A 23 -2.72 1.26 8.72
N SER A 24 -1.70 2.07 9.02
CA SER A 24 -0.37 1.51 9.22
C SER A 24 -0.32 0.54 10.39
N THR A 25 -1.13 0.79 11.41
CA THR A 25 -1.18 -0.12 12.56
C THR A 25 -1.68 -1.47 12.07
N HIS A 26 -2.73 -1.49 11.23
CA HIS A 26 -3.19 -2.77 10.70
C HIS A 26 -2.16 -3.48 9.83
N LEU A 27 -1.43 -2.72 9.02
CA LEU A 27 -0.35 -3.32 8.23
C LEU A 27 0.69 -3.96 9.14
N ILE A 28 1.07 -3.30 10.23
CA ILE A 28 2.02 -3.88 11.16
C ILE A 28 1.44 -5.14 11.82
N ARG A 29 0.17 -5.08 12.23
CA ARG A 29 -0.53 -6.27 12.74
C ARG A 29 -0.43 -7.43 11.72
N LEU A 30 -0.74 -7.14 10.46
CA LEU A 30 -0.63 -8.16 9.41
C LEU A 30 0.79 -8.66 9.22
N SER A 31 1.78 -7.76 9.37
CA SER A 31 3.17 -8.18 9.18
C SER A 31 3.61 -9.15 10.25
N GLU A 32 2.91 -9.22 11.38
CA GLU A 32 3.25 -10.16 12.44
C GLU A 32 2.73 -11.55 12.06
N LYS A 33 1.67 -11.58 11.27
CA LYS A 33 1.11 -12.84 10.81
C LYS A 33 1.78 -13.33 9.51
N HIS A 34 2.21 -12.38 8.69
CA HIS A 34 2.74 -12.66 7.35
C HIS A 34 4.15 -12.10 7.26
N SER A 35 5.13 -12.94 7.51
CA SER A 35 6.51 -12.47 7.51
C SER A 35 7.01 -11.98 6.14
N ASP A 36 6.30 -12.31 5.06
CA ASP A 36 6.79 -11.83 3.77
CA ASP A 36 6.64 -11.89 3.70
C ASP A 36 6.15 -10.49 3.37
N LEU A 37 5.38 -9.88 4.28
CA LEU A 37 4.79 -8.58 3.98
C LEU A 37 5.71 -7.44 4.38
N PHE A 38 6.06 -6.60 3.41
CA PHE A 38 6.75 -5.36 3.63
C PHE A 38 5.74 -4.23 3.90
N VAL A 39 5.92 -3.54 5.02
CA VAL A 39 5.12 -2.37 5.36
C VAL A 39 5.97 -1.13 5.07
N PRO A 40 5.45 -0.22 4.23
CA PRO A 40 6.20 0.97 3.83
C PRO A 40 6.20 2.05 4.89
N SER A 41 6.66 3.23 4.52
CA SER A 41 6.91 4.29 5.52
C SER A 41 5.72 4.52 6.43
N LEU A 42 5.98 4.57 7.73
CA LEU A 42 4.95 4.89 8.71
C LEU A 42 4.73 6.39 8.82
N TYR A 43 5.56 7.16 8.11
CA TYR A 43 5.55 8.62 8.22
C TYR A 43 4.91 9.35 7.01
N THR A 44 5.13 8.86 5.79
CA THR A 44 4.65 9.52 4.58
C THR A 44 3.81 8.55 3.75
N PRO A 45 2.50 8.81 3.60
CA PRO A 45 1.71 7.96 2.69
C PRO A 45 2.14 8.21 1.25
N SER A 46 1.84 7.28 0.36
CA SER A 46 2.12 7.49 -1.08
C SER A 46 0.94 8.20 -1.74
N THR A 47 1.17 8.72 -2.95
CA THR A 47 0.11 9.30 -3.78
C THR A 47 0.29 8.75 -5.18
N CYS A 48 -0.59 9.09 -6.10
CA CYS A 48 -0.41 8.70 -7.50
CA CYS A 48 -0.42 8.62 -7.47
C CYS A 48 0.89 9.13 -8.09
N PHE A 49 1.39 10.27 -7.61
CA PHE A 49 2.61 10.86 -8.16
C PHE A 49 3.86 10.30 -7.52
N SER A 50 3.76 9.73 -6.31
CA SER A 50 4.95 9.29 -5.59
C SER A 50 5.06 7.79 -5.45
N ILE A 51 4.01 7.06 -5.79
CA ILE A 51 4.01 5.60 -5.52
C ILE A 51 5.10 4.85 -6.33
N GLU A 52 5.35 5.21 -7.59
CA GLU A 52 6.33 4.45 -8.34
C GLU A 52 7.72 4.61 -7.70
N ARG A 53 8.09 5.85 -7.37
CA ARG A 53 9.41 6.11 -6.74
C ARG A 53 9.50 5.35 -5.40
N ALA A 54 8.42 5.31 -4.63
CA ALA A 54 8.45 4.60 -3.35
C ALA A 54 8.69 3.10 -3.54
N VAL A 55 7.99 2.50 -4.49
CA VAL A 55 8.17 1.09 -4.79
C VAL A 55 9.60 0.81 -5.25
N LEU A 56 10.09 1.59 -6.21
CA LEU A 56 11.45 1.37 -6.70
C LEU A 56 12.48 1.51 -5.60
N LYS A 57 12.34 2.51 -4.74
CA LYS A 57 13.31 2.66 -3.62
C LYS A 57 13.20 1.47 -2.67
N ASP A 58 11.98 1.00 -2.39
CA ASP A 58 11.87 -0.11 -1.41
C ASP A 58 12.42 -1.43 -1.95
N LEU A 59 12.47 -1.57 -3.28
CA LEU A 59 13.09 -2.75 -3.91
C LEU A 59 14.56 -2.50 -4.26
N HIS A 60 15.12 -1.40 -3.76
CA HIS A 60 16.52 -1.03 -4.03
C HIS A 60 16.86 -0.89 -5.51
N LEU A 61 15.89 -0.41 -6.27
CA LEU A 61 16.02 -0.17 -7.68
C LEU A 61 16.13 1.30 -8.03
N TYR A 62 16.43 2.15 -7.07
CA TYR A 62 16.53 3.57 -7.40
C TYR A 62 17.82 4.19 -6.87
N ASP A 63 18.58 4.86 -7.74
CA ASP A 63 19.85 5.45 -7.32
C ASP A 63 19.66 6.95 -7.16
N SER A 64 19.51 7.42 -5.94
CA SER A 64 19.25 8.84 -5.72
C SER A 64 20.42 9.75 -6.14
N SER A 65 21.59 9.17 -6.38
CA SER A 65 22.76 9.95 -6.77
C SER A 65 22.85 10.27 -8.26
N THR A 66 22.37 9.35 -9.10
CA THR A 66 22.25 9.63 -10.52
C THR A 66 20.84 10.11 -10.76
N GLN A 67 19.99 9.96 -9.75
CA GLN A 67 18.56 10.04 -9.95
C GLN A 67 18.25 9.12 -11.12
N SER A 68 18.45 7.83 -10.93
CA SER A 68 18.17 6.87 -11.97
C SER A 68 17.60 5.55 -11.45
N VAL A 69 16.72 4.95 -12.26
CA VAL A 69 16.23 3.62 -12.06
C VAL A 69 17.34 2.66 -12.41
N LEU A 70 17.52 1.66 -11.55
CA LEU A 70 18.48 0.61 -11.74
C LEU A 70 17.84 -0.61 -12.44
N ASP A 71 18.68 -1.36 -13.14
CA ASP A 71 18.30 -2.59 -13.83
C ASP A 71 18.30 -3.80 -12.90
N HIS A 72 18.89 -3.64 -11.73
CA HIS A 72 18.95 -4.72 -10.78
C HIS A 72 19.13 -4.08 -9.43
N PRO A 73 18.67 -4.76 -8.38
CA PRO A 73 18.71 -4.14 -7.06
C PRO A 73 20.14 -3.92 -6.65
N ASP A 74 20.32 -2.89 -5.85
CA ASP A 74 21.63 -2.50 -5.36
C ASP A 74 21.43 -2.20 -3.88
N SER A 75 21.88 -3.12 -3.03
CA SER A 75 21.57 -3.04 -1.61
C SER A 75 22.28 -1.88 -0.92
N THR A 76 23.30 -1.33 -1.58
CA THR A 76 23.96 -0.12 -1.10
C THR A 76 23.06 1.13 -1.25
N GLN A 77 21.95 1.02 -1.98
CA GLN A 77 21.02 2.15 -2.07
C GLN A 77 19.98 2.13 -0.98
N CYS A 78 20.07 1.15 -0.09
CA CYS A 78 19.03 0.93 0.89
C CYS A 78 18.84 2.09 1.86
N HIS A 79 17.60 2.58 1.97
CA HIS A 79 17.27 3.65 2.92
C HIS A 79 16.45 3.12 4.14
N HIS A 80 16.40 1.80 4.27
CA HIS A 80 15.62 1.17 5.33
C HIS A 80 16.30 0.95 6.65
N GLN A 81 17.60 1.09 6.69
CA GLN A 81 18.30 0.85 7.93
C GLN A 81 18.52 2.14 8.71
N ASN A 82 18.48 2.05 10.03
CA ASN A 82 18.74 3.21 10.88
C ASN A 82 17.79 4.37 10.58
N ASN A 83 16.58 4.04 10.19
CA ASN A 83 15.57 5.07 9.94
C ASN A 83 14.36 4.80 10.81
N TYR A 84 14.28 5.49 11.95
CA TYR A 84 13.24 5.21 12.92
C TYR A 84 12.03 6.12 12.77
N GLN A 85 12.04 6.98 11.75
CA GLN A 85 10.90 7.82 11.47
C GLN A 85 10.02 7.13 10.45
N ASP A 86 10.60 6.71 9.34
CA ASP A 86 9.84 5.96 8.33
C ASP A 86 9.79 4.46 8.60
N TYR A 87 10.91 3.88 9.05
CA TYR A 87 11.04 2.42 9.12
C TYR A 87 11.52 1.89 10.46
N PRO A 88 10.90 2.29 11.57
CA PRO A 88 11.39 1.73 12.83
C PRO A 88 11.15 0.22 12.89
N HIS A 89 10.13 -0.26 12.16
CA HIS A 89 9.75 -1.67 12.15
C HIS A 89 10.72 -2.52 11.31
N LEU A 90 11.62 -1.88 10.56
CA LEU A 90 12.61 -2.60 9.74
C LEU A 90 14.00 -2.59 10.35
N ALA A 91 14.17 -1.89 11.47
CA ALA A 91 15.46 -1.79 12.15
C ALA A 91 16.10 -3.17 12.42
N ASP A 92 15.27 -4.17 12.73
CA ASP A 92 15.74 -5.54 13.01
C ASP A 92 15.33 -6.58 11.95
N ARG A 93 14.91 -6.15 10.76
CA ARG A 93 14.58 -7.06 9.65
C ARG A 93 15.60 -6.97 8.52
N ASP A 94 15.67 -8.02 7.72
CA ASP A 94 16.35 -7.92 6.44
C ASP A 94 15.40 -7.36 5.39
N CYS A 95 15.65 -6.11 5.03
CA CYS A 95 14.71 -5.32 4.20
C CYS A 95 14.59 -5.88 2.81
N GLN A 96 15.49 -6.80 2.48
CA GLN A 96 15.42 -7.48 1.17
C GLN A 96 14.46 -8.65 1.13
N ASN A 97 14.22 -9.28 2.27
CA ASN A 97 13.58 -10.60 2.35
C ASN A 97 12.03 -10.64 2.23
N PHE A 98 11.45 -9.68 1.56
CA PHE A 98 10.00 -9.62 1.50
C PHE A 98 9.45 -10.01 0.13
N ARG A 99 8.16 -10.37 0.06
CA ARG A 99 7.56 -10.77 -1.22
C ARG A 99 6.34 -9.98 -1.63
N ILE A 100 5.65 -9.40 -0.66
CA ILE A 100 4.43 -8.66 -0.90
C ILE A 100 4.61 -7.28 -0.29
N TYR A 101 4.40 -6.23 -1.09
CA TYR A 101 4.63 -4.85 -0.67
C TYR A 101 3.32 -4.11 -0.79
N ALA A 102 2.78 -3.61 0.32
CA ALA A 102 1.46 -3.00 0.29
C ALA A 102 1.48 -1.54 0.72
N TYR A 103 1.02 -0.63 -0.16
CA TYR A 103 1.17 0.79 0.05
C TYR A 103 -0.16 1.50 0.14
N PRO A 104 -0.43 2.10 1.28
CA PRO A 104 -1.59 3.01 1.38
C PRO A 104 -1.34 4.21 0.47
N LEU A 105 -2.34 4.58 -0.32
CA LEU A 105 -2.18 5.63 -1.31
C LEU A 105 -3.31 6.64 -1.09
N TRP A 106 -2.92 7.90 -0.86
CA TRP A 106 -3.80 9.01 -0.52
C TRP A 106 -4.09 9.81 -1.78
N HIS A 107 -5.36 10.24 -1.97
CA HIS A 107 -5.75 11.02 -3.14
C HIS A 107 -6.78 12.06 -2.83
N HIS A 108 -6.69 13.18 -3.56
CA HIS A 108 -7.74 14.18 -3.56
C HIS A 108 -7.86 14.66 -4.98
N PRO A 109 -9.09 14.75 -5.51
CA PRO A 109 -9.27 15.12 -6.92
C PRO A 109 -8.89 16.55 -7.29
N SER A 110 -8.73 17.45 -6.31
CA SER A 110 -8.45 18.84 -6.65
C SER A 110 -6.99 19.14 -6.94
N ALA A 111 -6.12 18.17 -6.63
CA ALA A 111 -4.69 18.27 -6.86
C ALA A 111 -4.31 17.74 -8.24
N HIS A 112 -3.62 18.55 -9.03
CA HIS A 112 -3.29 18.12 -10.40
C HIS A 112 -1.82 17.96 -10.68
N ASN A 113 -1.00 18.20 -9.67
CA ASN A 113 0.44 18.00 -9.81
C ASN A 113 0.99 17.55 -8.46
N PRO A 114 2.26 17.10 -8.40
CA PRO A 114 2.83 16.67 -7.12
C PRO A 114 2.86 17.72 -6.04
N GLU A 115 3.20 18.97 -6.38
CA GLU A 115 3.24 20.02 -5.35
C GLU A 115 1.86 20.19 -4.71
N GLU A 116 0.82 20.36 -5.52
CA GLU A 116 -0.54 20.41 -4.99
C GLU A 116 -0.93 19.17 -4.17
N MET A 117 -0.66 17.96 -4.69
CA MET A 117 -1.06 16.75 -3.99
C MET A 117 -0.30 16.67 -2.67
N ASN A 118 0.99 16.99 -2.72
CA ASN A 118 1.74 16.92 -1.48
C ASN A 118 1.35 17.89 -0.38
N SER A 119 1.06 19.13 -0.78
CA SER A 119 0.68 20.14 0.18
C SER A 119 -0.63 19.75 0.83
N MET A 120 -1.57 19.31 -0.01
CA MET A 120 -2.86 18.85 0.49
C MET A 120 -2.68 17.65 1.41
N MET A 121 -1.87 16.68 1.01
CA MET A 121 -1.73 15.50 1.82
CA MET A 121 -1.76 15.51 1.85
C MET A 121 -1.13 15.82 3.19
N LEU A 122 -0.07 16.62 3.17
CA LEU A 122 0.63 16.96 4.40
C LEU A 122 -0.34 17.63 5.39
N SER A 123 -1.31 18.38 4.89
CA SER A 123 -2.26 18.98 5.82
C SER A 123 -3.29 18.00 6.42
N THR A 124 -3.67 16.94 5.70
CA THR A 124 -4.83 16.13 6.09
C THR A 124 -4.61 14.63 6.39
N ALA A 125 -3.73 13.96 5.65
CA ALA A 125 -3.61 12.51 5.78
C ALA A 125 -3.57 11.99 7.24
N GLY A 131 -13.45 12.79 5.53
CA GLY A 131 -14.08 12.99 4.24
C GLY A 131 -13.31 13.81 3.21
N ILE A 132 -12.13 14.30 3.56
CA ILE A 132 -11.28 15.02 2.61
C ILE A 132 -10.34 14.05 2.01
N SER A 133 -9.74 13.19 2.82
CA SER A 133 -8.89 12.08 2.34
C SER A 133 -9.67 11.03 1.59
N HIS A 134 -9.09 10.47 0.51
CA HIS A 134 -9.55 9.16 0.06
C HIS A 134 -8.34 8.25 0.06
N TRP A 135 -8.50 7.04 0.59
CA TRP A 135 -7.42 6.06 0.68
C TRP A 135 -7.68 4.89 -0.24
N THR A 136 -6.63 4.47 -0.94
CA THR A 136 -6.62 3.27 -1.75
C THR A 136 -5.37 2.49 -1.43
N LEU A 137 -5.18 1.33 -2.08
CA LEU A 137 -4.05 0.45 -1.73
C LEU A 137 -3.42 -0.07 -3.02
N VAL A 138 -2.08 -0.04 -3.10
CA VAL A 138 -1.36 -0.65 -4.24
C VAL A 138 -0.54 -1.78 -3.62
N ILE A 139 -0.73 -2.99 -4.12
CA ILE A 139 0.05 -4.12 -3.66
C ILE A 139 0.97 -4.58 -4.79
N VAL A 140 2.26 -4.76 -4.51
CA VAL A 140 3.20 -5.39 -5.44
C VAL A 140 3.45 -6.77 -4.89
N ASN A 141 3.17 -7.79 -5.70
CA ASN A 141 3.38 -9.18 -5.30
C ASN A 141 4.43 -9.76 -6.23
N LEU A 142 5.65 -9.95 -5.70
CA LEU A 142 6.74 -10.39 -6.56
C LEU A 142 6.56 -11.85 -7.01
N ASP A 143 5.94 -12.67 -6.16
CA ASP A 143 5.77 -14.09 -6.47
C ASP A 143 4.77 -14.28 -7.59
N ARG A 144 3.72 -13.46 -7.59
CA ARG A 144 2.65 -13.58 -8.59
C ARG A 144 2.85 -12.65 -9.78
N ARG A 145 3.89 -11.82 -9.72
CA ARG A 145 4.21 -10.82 -10.79
C ARG A 145 2.96 -10.00 -11.09
N GLU A 146 2.41 -9.38 -10.05
CA GLU A 146 1.21 -8.59 -10.22
C GLU A 146 1.30 -7.32 -9.42
N VAL A 147 0.61 -6.32 -9.93
CA VAL A 147 0.35 -5.05 -9.23
C VAL A 147 -1.15 -4.96 -9.06
N VAL A 148 -1.59 -5.07 -7.80
CA VAL A 148 -3.00 -5.02 -7.48
C VAL A 148 -3.39 -3.64 -6.93
N PHE A 149 -4.42 -3.06 -7.50
CA PHE A 149 -4.91 -1.77 -7.02
C PHE A 149 -6.31 -1.94 -6.45
N PHE A 150 -6.46 -1.56 -5.18
CA PHE A 150 -7.76 -1.62 -4.50
C PHE A 150 -8.28 -0.25 -4.16
N ASP A 151 -9.48 0.06 -4.66
CA ASP A 151 -10.21 1.28 -4.35
C ASP A 151 -11.63 0.86 -4.04
N SER A 152 -12.05 1.04 -2.79
CA SER A 152 -13.40 0.67 -2.39
C SER A 152 -14.47 1.49 -3.10
N LEU A 153 -14.08 2.61 -3.72
CA LEU A 153 -15.03 3.39 -4.53
C LEU A 153 -14.85 3.13 -6.04
N ALA A 154 -14.02 2.12 -6.38
CA ALA A 154 -13.72 1.63 -7.75
C ALA A 154 -12.99 2.60 -8.62
N ASN A 155 -13.55 3.78 -8.87
CA ASN A 155 -12.92 4.72 -9.80
CA ASN A 155 -12.90 4.71 -9.81
C ASN A 155 -12.79 6.12 -9.27
N PHE A 156 -12.54 6.23 -7.97
CA PHE A 156 -12.33 7.54 -7.40
C PHE A 156 -11.15 8.30 -7.99
N ILE A 157 -10.05 7.60 -8.29
CA ILE A 157 -8.92 8.26 -8.89
C ILE A 157 -9.01 8.22 -10.42
N ASN A 158 -8.93 9.38 -11.06
CA ASN A 158 -9.02 9.39 -12.51
C ASN A 158 -8.00 8.45 -13.13
N ASN A 159 -8.41 7.68 -14.15
CA ASN A 159 -7.48 6.75 -14.79
C ASN A 159 -6.22 7.45 -15.29
N ARG A 160 -6.37 8.70 -15.72
CA ARG A 160 -5.24 9.50 -16.21
C ARG A 160 -4.13 9.68 -15.18
N LEU A 161 -4.47 9.55 -13.90
CA LEU A 161 -3.51 9.71 -12.84
C LEU A 161 -3.01 8.39 -12.28
N ILE A 162 -3.91 7.44 -12.06
CA ILE A 162 -3.52 6.19 -11.43
C ILE A 162 -2.95 5.20 -12.43
N ASP A 163 -3.52 5.13 -13.64
CA ASP A 163 -3.05 4.09 -14.57
C ASP A 163 -1.58 4.21 -14.99
N PRO A 164 -1.07 5.44 -15.27
CA PRO A 164 0.34 5.48 -15.69
C PRO A 164 1.22 4.98 -14.58
N ALA A 165 0.88 5.30 -13.34
CA ALA A 165 1.69 4.83 -12.21
C ALA A 165 1.66 3.29 -12.09
N LEU A 166 0.47 2.67 -12.14
CA LEU A 166 0.37 1.22 -12.02
C LEU A 166 1.16 0.55 -13.14
N ASN A 167 1.02 1.07 -14.35
CA ASN A 167 1.59 0.40 -15.53
C ASN A 167 3.05 0.64 -15.63
N SER A 168 3.52 1.80 -15.14
CA SER A 168 4.97 2.08 -15.07
CA SER A 168 4.95 2.03 -15.16
C SER A 168 5.63 1.13 -14.12
N ILE A 169 5.07 0.98 -12.93
CA ILE A 169 5.59 0.03 -11.97
C ILE A 169 5.60 -1.35 -12.59
N ALA A 170 4.48 -1.77 -13.20
CA ALA A 170 4.40 -3.15 -13.73
C ALA A 170 5.48 -3.38 -14.76
N THR A 171 5.70 -2.40 -15.64
CA THR A 171 6.68 -2.53 -16.72
C THR A 171 8.10 -2.57 -16.15
N ARG A 172 8.42 -1.64 -15.25
CA ARG A 172 9.77 -1.63 -14.67
C ARG A 172 10.11 -2.88 -13.86
N LEU A 173 9.16 -3.37 -13.07
CA LEU A 173 9.41 -4.57 -12.27
C LEU A 173 9.49 -5.80 -13.15
N GLY A 174 8.73 -5.84 -14.25
CA GLY A 174 8.86 -6.98 -15.18
C GLY A 174 10.23 -7.13 -15.79
N ASN A 175 10.96 -6.05 -15.85
CA ASN A 175 12.31 -6.08 -16.42
C ASN A 175 13.32 -6.65 -15.41
N VAL A 176 12.94 -6.70 -14.14
CA VAL A 176 13.84 -7.15 -13.07
C VAL A 176 13.51 -8.55 -12.59
N TYR A 177 12.22 -8.85 -12.48
CA TYR A 177 11.71 -10.14 -12.03
C TYR A 177 11.15 -10.86 -13.25
N PRO A 178 11.93 -11.74 -13.86
CA PRO A 178 11.45 -12.31 -15.15
C PRO A 178 10.26 -13.25 -15.01
N ASP A 179 9.54 -13.48 -16.12
CA ASP A 179 8.49 -14.48 -16.12
C ASP A 179 9.02 -15.89 -16.39
N ALA A 180 8.12 -16.85 -16.30
CA ALA A 180 8.50 -18.26 -16.40
C ALA A 180 8.97 -18.65 -17.77
N ASN A 181 8.65 -17.82 -18.77
CA ASN A 181 9.11 -18.04 -20.15
C ASN A 181 10.49 -17.47 -20.41
N GLY A 182 11.08 -16.86 -19.38
CA GLY A 182 12.37 -16.22 -19.58
C GLY A 182 12.22 -14.85 -20.24
N ALA A 183 11.01 -14.27 -20.22
CA ALA A 183 10.80 -12.95 -20.81
C ALA A 183 10.67 -11.89 -19.73
N LEU A 184 10.90 -10.64 -20.10
CA LEU A 184 10.76 -9.51 -19.20
C LEU A 184 9.43 -8.80 -19.36
N SER A 185 8.35 -9.58 -19.34
CA SER A 185 7.00 -9.07 -19.56
C SER A 185 6.53 -8.22 -18.39
N PRO A 186 5.68 -7.22 -18.63
CA PRO A 186 5.18 -6.44 -17.49
C PRO A 186 4.43 -7.31 -16.50
N PHE A 187 4.51 -6.97 -15.21
CA PHE A 187 3.61 -7.59 -14.25
C PHE A 187 2.18 -7.31 -14.70
N ILE A 188 1.24 -8.21 -14.35
CA ILE A 188 -0.17 -7.91 -14.64
C ILE A 188 -0.70 -6.86 -13.68
N VAL A 189 -1.47 -5.91 -14.17
CA VAL A 189 -2.18 -4.94 -13.33
C VAL A 189 -3.61 -5.39 -13.13
N LYS A 190 -4.03 -5.45 -11.87
CA LYS A 190 -5.40 -5.85 -11.54
C LYS A 190 -6.06 -4.75 -10.69
N LYS A 191 -7.01 -4.01 -11.28
CA LYS A 191 -7.77 -3.02 -10.53
C LYS A 191 -9.03 -3.80 -10.11
N VAL A 192 -9.01 -4.32 -8.87
CA VAL A 192 -9.89 -5.44 -8.51
CA VAL A 192 -9.86 -5.43 -8.49
C VAL A 192 -11.33 -5.06 -8.22
N ILE A 193 -11.60 -3.81 -7.81
CA ILE A 193 -12.99 -3.39 -7.52
C ILE A 193 -13.57 -2.71 -8.77
N LYS A 194 -14.60 -3.33 -9.35
CA LYS A 194 -15.20 -2.77 -10.55
C LYS A 194 -16.45 -1.99 -10.21
N THR A 195 -17.10 -2.35 -9.11
CA THR A 195 -18.34 -1.72 -8.66
C THR A 195 -18.07 -1.25 -7.24
N PRO A 196 -18.42 0.00 -6.92
CA PRO A 196 -18.10 0.48 -5.55
C PRO A 196 -18.70 -0.40 -4.47
N ILE A 197 -17.91 -0.69 -3.46
CA ILE A 197 -18.37 -1.40 -2.26
C ILE A 197 -18.55 -0.43 -1.07
N GLN A 198 -17.86 0.70 -1.04
CA GLN A 198 -17.91 1.63 0.08
C GLN A 198 -19.18 2.44 -0.05
N GLN A 199 -19.85 2.69 1.09
CA GLN A 199 -21.18 3.30 1.14
C GLN A 199 -21.25 4.63 1.87
N ASP A 200 -20.13 5.11 2.39
CA ASP A 200 -20.10 6.35 3.11
C ASP A 200 -18.89 7.17 2.64
N SER A 201 -18.58 8.24 3.34
CA SER A 201 -17.55 9.12 2.81
C SER A 201 -16.21 8.88 3.52
N THR A 202 -16.21 7.95 4.46
CA THR A 202 -15.16 7.93 5.48
C THR A 202 -14.46 6.58 5.74
N SER A 203 -15.04 5.48 5.26
CA SER A 203 -14.58 4.12 5.59
C SER A 203 -13.54 3.49 4.66
N CYS A 204 -13.02 4.26 3.70
CA CYS A 204 -12.04 3.71 2.74
C CYS A 204 -10.86 3.05 3.41
N GLY A 205 -10.33 3.63 4.49
CA GLY A 205 -9.15 3.06 5.16
C GLY A 205 -9.44 1.71 5.80
N ILE A 206 -10.66 1.54 6.28
CA ILE A 206 -11.06 0.26 6.88
C ILE A 206 -11.23 -0.76 5.77
N TRP A 207 -11.86 -0.37 4.68
CA TRP A 207 -12.06 -1.31 3.58
C TRP A 207 -10.73 -1.85 3.02
N LEU A 208 -9.75 -0.96 2.78
CA LEU A 208 -8.52 -1.43 2.16
C LEU A 208 -7.74 -2.29 3.16
N SER A 209 -7.90 -2.04 4.48
CA SER A 209 -7.23 -2.87 5.47
C SER A 209 -7.84 -4.27 5.52
N LEU A 210 -9.17 -4.35 5.47
CA LEU A 210 -9.86 -5.63 5.37
C LEU A 210 -9.44 -6.36 4.09
N PHE A 211 -9.38 -5.64 2.97
CA PHE A 211 -8.96 -6.30 1.74
C PHE A 211 -7.59 -6.92 1.87
N LEU A 212 -6.63 -6.16 2.38
CA LEU A 212 -5.27 -6.71 2.46
C LEU A 212 -5.26 -7.94 3.38
N ASP A 213 -5.97 -7.86 4.49
CA ASP A 213 -6.14 -8.97 5.42
C ASP A 213 -6.54 -10.25 4.68
N LYS A 214 -7.58 -10.16 3.85
CA LYS A 214 -8.06 -11.31 3.13
C LYS A 214 -7.17 -11.70 1.98
N TYR A 215 -6.61 -10.71 1.28
CA TYR A 215 -5.71 -10.96 0.15
C TYR A 215 -4.52 -11.79 0.59
N LEU A 216 -3.98 -11.50 1.78
CA LEU A 216 -2.78 -12.20 2.22
C LEU A 216 -3.05 -13.69 2.54
N ASP A 217 -4.31 -14.01 2.85
CA ASP A 217 -4.71 -15.42 2.99
C ASP A 217 -5.10 -16.08 1.68
N ASN A 218 -5.55 -15.27 0.73
CA ASN A 218 -5.99 -15.76 -0.59
C ASN A 218 -5.86 -14.64 -1.61
N PRO A 219 -4.79 -14.64 -2.42
CA PRO A 219 -4.59 -13.50 -3.32
C PRO A 219 -5.61 -13.40 -4.43
N ASP A 220 -6.44 -14.40 -4.61
CA ASP A 220 -7.60 -14.28 -5.52
C ASP A 220 -8.86 -13.71 -4.88
N TYR A 221 -8.75 -13.26 -3.63
CA TYR A 221 -9.89 -12.69 -2.92
C TYR A 221 -10.42 -11.40 -3.55
N VAL A 222 -11.74 -11.29 -3.71
CA VAL A 222 -12.36 -10.02 -4.08
C VAL A 222 -13.57 -9.89 -3.17
N PRO A 223 -13.77 -8.70 -2.58
CA PRO A 223 -14.87 -8.55 -1.62
C PRO A 223 -16.18 -8.76 -2.32
N PRO A 224 -17.16 -9.20 -1.56
CA PRO A 224 -18.43 -9.48 -2.18
C PRO A 224 -19.24 -8.22 -2.46
N LEU A 225 -20.11 -8.30 -3.46
CA LEU A 225 -21.07 -7.26 -3.75
C LEU A 225 -22.19 -7.46 -2.74
N MET A 226 -22.50 -6.41 -1.99
CA MET A 226 -23.43 -6.52 -0.88
C MET A 226 -24.40 -5.38 -0.89
N GLY A 227 -25.56 -5.57 -0.27
CA GLY A 227 -26.41 -4.43 0.04
C GLY A 227 -25.71 -3.47 1.01
N GLY A 228 -26.25 -2.26 1.13
CA GLY A 228 -25.67 -1.26 2.01
C GLY A 228 -25.58 -1.69 3.47
N ARG A 229 -26.70 -2.17 3.99
CA ARG A 229 -26.79 -2.62 5.37
C ARG A 229 -25.87 -3.84 5.56
N GLN A 230 -25.87 -4.77 4.60
CA GLN A 230 -24.99 -5.95 4.73
C GLN A 230 -23.52 -5.53 4.78
N ALA A 231 -23.13 -4.55 3.97
CA ALA A 231 -21.74 -4.10 3.94
C ALA A 231 -21.35 -3.53 5.28
N GLN A 232 -22.26 -2.76 5.88
CA GLN A 232 -21.96 -2.16 7.17
C GLN A 232 -21.75 -3.25 8.21
N TYR A 233 -22.57 -4.28 8.18
CA TYR A 233 -22.43 -5.38 9.14
C TYR A 233 -21.12 -6.13 8.92
N PHE A 234 -20.73 -6.27 7.64
CA PHE A 234 -19.47 -6.93 7.24
C PHE A 234 -18.26 -6.20 7.81
N LEU A 235 -18.24 -4.87 7.63
CA LEU A 235 -17.15 -4.04 8.14
C LEU A 235 -17.12 -4.09 9.65
N GLN A 236 -18.30 -4.03 10.27
CA GLN A 236 -18.36 -4.06 11.72
C GLN A 236 -17.78 -5.35 12.27
N GLU A 237 -18.08 -6.47 11.61
CA GLU A 237 -17.55 -7.77 12.02
C GLU A 237 -16.02 -7.75 11.97
N PHE A 238 -15.46 -7.14 10.94
CA PHE A 238 -14.01 -7.00 10.84
C PHE A 238 -13.46 -6.16 11.96
N LEU A 239 -14.10 -5.00 12.24
CA LEU A 239 -13.64 -4.16 13.33
C LEU A 239 -13.66 -4.89 14.67
N GLU A 240 -14.64 -5.76 14.85
CA GLU A 240 -14.80 -6.39 16.15
C GLU A 240 -13.74 -7.45 16.41
N THR A 241 -12.97 -7.84 15.38
CA THR A 241 -11.85 -8.78 15.56
C THR A 241 -10.61 -8.06 16.09
N ILE A 242 -10.54 -6.76 15.83
CA ILE A 242 -9.29 -6.03 16.07
C ILE A 242 -8.84 -6.10 17.53
N PRO A 243 -9.76 -6.03 18.50
CA PRO A 243 -9.24 -6.04 19.88
C PRO A 243 -8.64 -7.37 20.32
N GLN A 244 -8.97 -8.45 19.60
CA GLN A 244 -8.38 -9.74 19.91
C GLN A 244 -7.06 -9.97 19.19
N ARG A 245 -6.65 -8.99 18.41
CA ARG A 245 -5.43 -9.07 17.60
C ARG A 245 -4.38 -7.98 17.89
N PRO A 246 -3.90 -7.92 19.15
CA PRO A 246 -2.95 -6.88 19.53
C PRO A 246 -1.61 -7.08 18.82
N ILE A 247 -0.89 -5.98 18.67
CA ILE A 247 0.48 -6.02 18.16
C ILE A 247 1.38 -6.45 19.31
N THR A 248 2.22 -7.47 19.11
CA THR A 248 3.03 -7.97 20.22
C THR A 248 4.54 -8.04 19.90
N GLN A 249 4.93 -7.80 18.65
CA GLN A 249 6.34 -7.96 18.31
C GLN A 249 7.02 -6.64 17.96
N ALA A 250 6.29 -5.54 18.03
CA ALA A 250 6.84 -4.24 17.68
C ALA A 250 7.66 -3.62 18.79
N SER A 251 8.72 -2.93 18.40
CA SER A 251 9.54 -2.21 19.35
C SER A 251 8.78 -1.03 19.92
N ASP A 252 9.25 -0.51 21.05
CA ASP A 252 8.69 0.69 21.63
C ASP A 252 8.76 1.86 20.63
N CYS A 253 9.84 1.92 19.86
CA CYS A 253 9.96 2.97 18.86
CA CYS A 253 9.98 2.97 18.82
C CYS A 253 8.84 2.89 17.82
N THR A 254 8.56 1.69 17.32
CA THR A 254 7.45 1.47 16.39
C THR A 254 6.10 1.81 17.02
N LEU A 255 5.88 1.37 18.25
CA LEU A 255 4.62 1.67 18.91
C LEU A 255 4.44 3.18 19.07
N ASN A 256 5.54 3.90 19.33
CA ASN A 256 5.44 5.33 19.52
C ASN A 256 5.08 6.05 18.22
N VAL A 257 5.68 5.63 17.12
CA VAL A 257 5.40 6.22 15.81
C VAL A 257 3.95 5.98 15.41
N LEU A 258 3.42 4.80 15.73
CA LEU A 258 2.02 4.46 15.42
C LEU A 258 1.04 5.21 16.29
N GLY A 259 1.54 5.91 17.31
CA GLY A 259 0.66 6.76 18.11
C GLY A 259 -0.07 5.92 19.15
N ILE A 260 0.46 4.73 19.41
CA ILE A 260 -0.21 3.76 20.29
C ILE A 260 0.15 4.03 21.72
C1 GOL B . -16.06 11.27 0.14
O1 GOL B . -17.21 10.74 -0.53
C2 GOL B . -14.78 10.49 -0.18
O2 GOL B . -14.96 9.19 0.31
C3 GOL B . -13.56 11.04 0.56
O3 GOL B . -12.77 11.88 -0.26
ZN ZN C . 16.60 -1.74 2.24
#